data_8TBA
#
_entry.id   8TBA
#
_cell.length_a   63.350
_cell.length_b   79.868
_cell.length_c   114.887
_cell.angle_alpha   90.00
_cell.angle_beta   90.00
_cell.angle_gamma   90.00
#
_symmetry.space_group_name_H-M   'P 21 21 21'
#
loop_
_entity.id
_entity.type
_entity.pdbx_description
1 polymer 'Glutamate racemase'
2 non-polymer (2M)-N-(1,5-dimethyl-3-oxo-2-phenyl-2,3-dihydro-1H-pyrazol-4-yl)-2-[5-(4-methylphenyl)-1,3-oxazol-2-yl]benzamide
3 non-polymer 'D-GLUTAMIC ACID'
4 non-polymer 'DIMETHYL SULFOXIDE'
5 water water
#
_entity_poly.entity_id   1
_entity_poly.type   'polypeptide(L)'
_entity_poly.pdbx_seq_one_letter_code
;HMKIGVFDSGVGGFSVLKSLLKARLFDEIIYYGDSARVPYGTKDPTTIKQFGLEALDFFKPHEIELLIVACNTASALALE
EMQKYSKIPIVGVIEPSILAIKRQVEDKNAPILVLGTKATIQSNAYDNALKQQGYLNISHLATSLFVPLIEESILEGELL
ETCMHYYFTPLEILPEVIILGCTHFPLIAQKIEGYFMGHFALPTPPLLIHSGDAIVEYLQQKYALKNNACTFPKVEFHAS
GDVIWLERQAKEWLKL
;
_entity_poly.pdbx_strand_id   A,B
#
# COMPACT_ATOMS: atom_id res chain seq x y z
N MET A 2 -34.52 6.58 3.72
CA MET A 2 -33.45 5.94 4.49
C MET A 2 -32.09 6.18 3.84
N LYS A 3 -31.29 7.05 4.46
CA LYS A 3 -30.01 7.49 3.92
C LYS A 3 -28.89 6.94 4.79
N ILE A 4 -27.93 6.23 4.18
CA ILE A 4 -26.87 5.60 4.94
C ILE A 4 -25.52 6.00 4.35
N GLY A 5 -24.48 5.81 5.15
CA GLY A 5 -23.11 5.99 4.71
C GLY A 5 -22.41 4.65 4.68
N VAL A 6 -21.42 4.53 3.79
CA VAL A 6 -20.56 3.36 3.72
C VAL A 6 -19.14 3.90 3.76
N PHE A 7 -18.33 3.38 4.68
CA PHE A 7 -16.95 3.82 4.87
C PHE A 7 -16.00 2.67 4.54
N ASP A 8 -14.98 2.97 3.72
CA ASP A 8 -13.90 2.04 3.48
C ASP A 8 -12.59 2.81 3.33
N SER A 9 -11.46 2.11 3.48
CA SER A 9 -10.18 2.77 3.24
C SER A 9 -10.00 3.21 1.79
N GLY A 10 -10.75 2.64 0.85
CA GLY A 10 -10.51 3.00 -0.54
C GLY A 10 -11.57 2.43 -1.46
N VAL A 11 -11.15 1.62 -2.44
CA VAL A 11 -12.08 1.02 -3.40
C VAL A 11 -12.51 -0.39 -3.00
N GLY A 12 -11.83 -1.03 -2.05
CA GLY A 12 -12.21 -2.38 -1.69
C GLY A 12 -13.64 -2.48 -1.22
N GLY A 13 -14.12 -1.45 -0.51
CA GLY A 13 -15.48 -1.44 -0.01
C GLY A 13 -16.53 -1.61 -1.09
N PHE A 14 -16.16 -1.48 -2.37
CA PHE A 14 -17.14 -1.73 -3.43
C PHE A 14 -17.65 -3.16 -3.39
N SER A 15 -16.88 -4.09 -2.82
CA SER A 15 -17.35 -5.47 -2.73
C SER A 15 -18.52 -5.58 -1.78
N VAL A 16 -18.55 -4.74 -0.74
CA VAL A 16 -19.70 -4.68 0.16
C VAL A 16 -20.84 -3.90 -0.49
N LEU A 17 -20.52 -2.78 -1.15
CA LEU A 17 -21.53 -2.00 -1.86
C LEU A 17 -22.31 -2.86 -2.83
N LYS A 18 -21.61 -3.73 -3.56
CA LYS A 18 -22.29 -4.63 -4.48
C LYS A 18 -23.40 -5.41 -3.79
N SER A 19 -23.10 -5.99 -2.62
CA SER A 19 -24.11 -6.72 -1.87
C SER A 19 -25.23 -5.79 -1.40
N LEU A 20 -24.88 -4.58 -0.96
CA LEU A 20 -25.90 -3.66 -0.44
C LEU A 20 -26.86 -3.22 -1.53
N LEU A 21 -26.34 -3.02 -2.75
CA LEU A 21 -27.21 -2.60 -3.85
C LEU A 21 -28.20 -3.70 -4.21
N LYS A 22 -27.76 -4.96 -4.21
CA LYS A 22 -28.63 -6.06 -4.56
C LYS A 22 -29.63 -6.39 -3.47
N ALA A 23 -29.56 -5.75 -2.31
CA ALA A 23 -30.45 -6.04 -1.21
C ALA A 23 -31.70 -5.16 -1.21
N ARG A 24 -31.70 -4.07 -1.97
CA ARG A 24 -32.86 -3.19 -2.06
C ARG A 24 -33.39 -2.85 -0.68
N LEU A 25 -32.47 -2.33 0.14
CA LEU A 25 -32.77 -1.97 1.53
C LEU A 25 -32.72 -0.47 1.80
N PHE A 26 -31.96 0.29 1.03
CA PHE A 26 -31.73 1.70 1.31
C PHE A 26 -32.12 2.55 0.09
N ASP A 27 -32.53 3.79 0.38
CA ASP A 27 -32.87 4.75 -0.67
C ASP A 27 -31.67 5.55 -1.17
N GLU A 28 -30.69 5.81 -0.30
CA GLU A 28 -29.57 6.68 -0.62
C GLU A 28 -28.34 6.13 0.09
N ILE A 29 -27.22 6.02 -0.62
CA ILE A 29 -25.97 5.54 -0.02
C ILE A 29 -24.87 6.56 -0.33
N ILE A 30 -24.23 7.05 0.72
CA ILE A 30 -23.07 7.93 0.59
C ILE A 30 -21.84 7.06 0.85
N TYR A 31 -21.06 6.81 -0.20
CA TYR A 31 -19.84 6.01 -0.10
C TYR A 31 -18.64 6.93 0.03
N TYR A 32 -17.80 6.67 1.04
CA TYR A 32 -16.57 7.44 1.25
C TYR A 32 -15.40 6.47 1.37
N GLY A 33 -14.42 6.60 0.49
CA GLY A 33 -13.17 5.85 0.60
C GLY A 33 -12.02 6.81 0.89
N ASP A 34 -11.24 6.47 1.92
CA ASP A 34 -10.10 7.28 2.34
C ASP A 34 -8.89 6.96 1.48
N SER A 35 -9.08 7.13 0.17
CA SER A 35 -8.08 6.70 -0.81
C SER A 35 -6.77 7.48 -0.71
N ALA A 36 -6.73 8.62 -0.03
CA ALA A 36 -5.44 9.28 0.17
C ALA A 36 -4.55 8.52 1.14
N ARG A 37 -5.14 7.71 2.03
CA ARG A 37 -4.36 7.09 3.09
C ARG A 37 -4.36 5.57 3.04
N VAL A 38 -5.04 4.96 2.08
CA VAL A 38 -5.08 3.51 1.90
C VAL A 38 -3.69 3.00 1.58
N PRO A 39 -3.29 1.78 2.02
CA PRO A 39 -4.02 0.81 2.86
C PRO A 39 -3.96 1.09 4.34
N TYR A 40 -4.96 0.57 5.05
CA TYR A 40 -4.97 0.59 6.50
C TYR A 40 -4.31 -0.65 7.10
N GLY A 41 -4.36 -1.77 6.38
CA GLY A 41 -4.05 -3.04 7.02
C GLY A 41 -2.58 -3.25 7.33
N THR A 42 -1.70 -2.44 6.74
CA THR A 42 -0.29 -2.51 7.06
C THR A 42 0.10 -1.58 8.19
N LYS A 43 -0.86 -0.89 8.78
CA LYS A 43 -0.55 0.11 9.78
C LYS A 43 -0.99 -0.37 11.15
N ASP A 44 -0.78 0.48 12.13
CA ASP A 44 -0.83 0.20 13.57
C ASP A 44 -2.15 0.60 14.20
N PRO A 45 -2.53 -0.08 15.28
CA PRO A 45 -3.86 0.16 15.88
C PRO A 45 -4.13 1.62 16.22
N THR A 46 -3.16 2.34 16.76
CA THR A 46 -3.39 3.74 17.11
C THR A 46 -3.78 4.55 15.88
N THR A 47 -3.00 4.40 14.81
CA THR A 47 -3.29 5.11 13.57
C THR A 47 -4.69 4.78 13.03
N ILE A 48 -5.03 3.49 12.98
CA ILE A 48 -6.29 3.08 12.38
C ILE A 48 -7.48 3.58 13.22
N LYS A 49 -7.36 3.54 14.54
CA LYS A 49 -8.42 4.07 15.40
C LYS A 49 -8.69 5.53 15.07
N GLN A 50 -7.63 6.31 14.92
CA GLN A 50 -7.80 7.73 14.63
C GLN A 50 -8.40 7.95 13.25
N PHE A 51 -8.01 7.14 12.25
CA PHE A 51 -8.66 7.19 10.94
C PHE A 51 -10.16 7.00 11.05
N GLY A 52 -10.58 6.00 11.85
CA GLY A 52 -11.99 5.72 12.01
C GLY A 52 -12.75 6.89 12.61
N LEU A 53 -12.18 7.51 13.63
CA LEU A 53 -12.81 8.69 14.22
C LEU A 53 -12.93 9.82 13.20
N GLU A 54 -11.88 10.04 12.40
CA GLU A 54 -11.98 11.09 11.39
C GLU A 54 -13.04 10.77 10.34
N ALA A 55 -13.28 9.50 10.09
CA ALA A 55 -14.31 9.13 9.13
C ALA A 55 -15.69 9.61 9.59
N LEU A 56 -15.94 9.56 10.89
CA LEU A 56 -17.23 10.06 11.38
C LEU A 56 -17.38 11.53 11.04
N ASP A 57 -16.29 12.29 11.14
CA ASP A 57 -16.32 13.71 10.78
C ASP A 57 -16.81 13.89 9.35
N PHE A 58 -16.35 13.07 8.42
CA PHE A 58 -16.77 13.25 7.03
C PHE A 58 -18.28 13.16 6.89
N PHE A 59 -18.92 12.19 7.59
CA PHE A 59 -20.33 11.92 7.35
C PHE A 59 -21.27 12.87 8.08
N LYS A 60 -20.77 13.67 9.02
CA LYS A 60 -21.63 14.58 9.79
C LYS A 60 -22.56 15.35 8.87
N PRO A 61 -22.04 16.12 7.91
CA PRO A 61 -22.91 16.97 7.08
C PRO A 61 -23.86 16.21 6.17
N HIS A 62 -23.75 14.88 6.07
CA HIS A 62 -24.63 14.13 5.17
C HIS A 62 -25.86 13.57 5.87
N GLU A 63 -25.96 13.73 7.19
CA GLU A 63 -27.14 13.34 7.95
C GLU A 63 -27.61 11.92 7.59
N ILE A 64 -26.71 10.95 7.78
CA ILE A 64 -27.03 9.56 7.50
C ILE A 64 -27.70 8.95 8.73
N GLU A 65 -28.47 7.89 8.51
CA GLU A 65 -29.17 7.24 9.61
C GLU A 65 -28.41 6.04 10.16
N LEU A 66 -27.41 5.57 9.42
CA LEU A 66 -26.69 4.36 9.73
C LEU A 66 -25.36 4.47 9.00
N LEU A 67 -24.27 4.00 9.62
CA LEU A 67 -22.96 3.98 8.97
C LEU A 67 -22.49 2.54 8.91
N ILE A 68 -22.22 2.06 7.71
CA ILE A 68 -21.63 0.75 7.51
C ILE A 68 -20.13 0.92 7.34
N VAL A 69 -19.36 0.25 8.18
CA VAL A 69 -17.90 0.19 8.03
C VAL A 69 -17.61 -1.04 7.19
N ALA A 70 -17.44 -0.85 5.88
CA ALA A 70 -17.19 -1.95 4.96
C ALA A 70 -15.81 -2.56 5.12
N CYS A 71 -14.87 -1.78 5.67
CA CYS A 71 -13.47 -2.18 5.80
C CYS A 71 -13.31 -3.16 6.96
N ASN A 72 -12.75 -4.33 6.67
CA ASN A 72 -12.51 -5.30 7.74
C ASN A 72 -11.46 -4.80 8.74
N THR A 73 -10.47 -4.05 8.26
CA THR A 73 -9.43 -3.53 9.14
C THR A 73 -10.00 -2.48 10.09
N ALA A 74 -10.72 -1.51 9.55
CA ALA A 74 -11.36 -0.54 10.43
C ALA A 74 -12.36 -1.22 11.36
N SER A 75 -13.09 -2.23 10.86
CA SER A 75 -14.03 -2.95 11.74
C SER A 75 -13.30 -3.60 12.90
N ALA A 76 -12.10 -4.12 12.65
CA ALA A 76 -11.36 -4.85 13.67
C ALA A 76 -10.71 -3.92 14.70
N LEU A 77 -10.29 -2.72 14.30
CA LEU A 77 -9.49 -1.87 15.17
C LEU A 77 -10.21 -0.64 15.68
N ALA A 78 -11.18 -0.10 14.94
CA ALA A 78 -11.71 1.23 15.23
C ALA A 78 -13.20 1.24 15.55
N LEU A 79 -13.91 0.13 15.35
CA LEU A 79 -15.36 0.16 15.43
C LEU A 79 -15.82 0.55 16.84
N GLU A 80 -15.23 -0.07 17.86
CA GLU A 80 -15.64 0.23 19.23
C GLU A 80 -15.42 1.71 19.55
N GLU A 81 -14.27 2.25 19.13
CA GLU A 81 -14.00 3.67 19.28
C GLU A 81 -15.00 4.52 18.49
N MET A 82 -15.32 4.15 17.26
CA MET A 82 -16.29 5.00 16.56
C MET A 82 -17.66 4.94 17.22
N GLN A 83 -18.06 3.76 17.73
CA GLN A 83 -19.39 3.65 18.31
C GLN A 83 -19.52 4.51 19.56
N LYS A 84 -18.44 4.66 20.31
CA LYS A 84 -18.49 5.44 21.54
C LYS A 84 -18.72 6.93 21.27
N TYR A 85 -18.30 7.41 20.11
CA TYR A 85 -18.38 8.83 19.80
C TYR A 85 -19.45 9.15 18.76
N SER A 86 -20.26 8.17 18.36
CA SER A 86 -21.31 8.37 17.38
C SER A 86 -22.69 8.31 18.03
N LYS A 87 -23.58 9.20 17.62
CA LYS A 87 -24.97 9.11 18.05
C LYS A 87 -25.76 8.14 17.17
N ILE A 88 -25.33 7.92 15.93
CA ILE A 88 -26.02 7.03 15.00
C ILE A 88 -25.41 5.63 15.08
N PRO A 89 -26.17 4.59 14.74
CA PRO A 89 -25.62 3.22 14.77
C PRO A 89 -24.54 3.00 13.72
N ILE A 90 -23.57 2.15 14.08
CA ILE A 90 -22.45 1.79 13.22
C ILE A 90 -22.37 0.27 13.17
N VAL A 91 -22.42 -0.29 11.97
CA VAL A 91 -22.32 -1.74 11.75
C VAL A 91 -21.04 -2.00 10.98
N GLY A 92 -20.17 -2.86 11.51
CA GLY A 92 -18.99 -3.32 10.81
C GLY A 92 -19.22 -4.68 10.20
N VAL A 93 -18.17 -5.24 9.60
CA VAL A 93 -18.30 -6.43 8.78
C VAL A 93 -17.81 -7.68 9.46
N ILE A 94 -17.36 -7.60 10.71
CA ILE A 94 -16.88 -8.77 11.41
C ILE A 94 -18.01 -9.49 12.13
N GLU A 95 -18.74 -8.78 12.98
CA GLU A 95 -19.78 -9.42 13.76
C GLU A 95 -20.86 -10.05 12.90
N PRO A 96 -21.35 -9.43 11.82
CA PRO A 96 -22.30 -10.15 10.95
C PRO A 96 -21.73 -11.42 10.37
N SER A 97 -20.41 -11.47 10.14
CA SER A 97 -19.81 -12.69 9.62
C SER A 97 -19.83 -13.79 10.66
N ILE A 98 -19.69 -13.44 11.93
CA ILE A 98 -19.74 -14.46 12.98
C ILE A 98 -21.12 -15.10 13.02
N LEU A 99 -22.17 -14.31 12.82
CA LEU A 99 -23.52 -14.86 12.79
C LEU A 99 -23.72 -15.78 11.59
N ALA A 100 -23.14 -15.43 10.44
CA ALA A 100 -23.27 -16.29 9.26
C ALA A 100 -22.60 -17.64 9.50
N ILE A 101 -21.46 -17.64 10.20
CA ILE A 101 -20.76 -18.88 10.51
C ILE A 101 -21.60 -19.73 11.46
N LYS A 102 -22.29 -19.10 12.41
CA LYS A 102 -23.16 -19.83 13.31
C LYS A 102 -24.29 -20.54 12.56
N ARG A 103 -24.75 -19.97 11.45
CA ARG A 103 -25.81 -20.60 10.66
C ARG A 103 -25.25 -21.70 9.76
N GLN A 104 -24.12 -21.45 9.11
CA GLN A 104 -23.63 -22.35 8.07
C GLN A 104 -22.63 -23.38 8.56
N VAL A 105 -22.11 -23.25 9.78
CA VAL A 105 -21.05 -24.13 10.27
C VAL A 105 -21.51 -24.65 11.63
N GLU A 106 -22.20 -25.79 11.65
CA GLU A 106 -22.71 -26.30 12.91
C GLU A 106 -21.66 -27.06 13.72
N ASP A 107 -20.68 -27.70 13.06
CA ASP A 107 -19.64 -28.41 13.78
C ASP A 107 -18.66 -27.38 14.36
N LYS A 108 -18.62 -27.26 15.68
CA LYS A 108 -17.73 -26.30 16.32
C LYS A 108 -16.26 -26.71 16.24
N ASN A 109 -15.97 -27.94 15.82
CA ASN A 109 -14.59 -28.40 15.61
C ASN A 109 -14.17 -28.30 14.15
N ALA A 110 -15.02 -27.78 13.28
CA ALA A 110 -14.65 -27.63 11.89
C ALA A 110 -13.42 -26.72 11.80
N PRO A 111 -12.41 -27.07 11.02
CA PRO A 111 -11.25 -26.17 10.88
C PRO A 111 -11.62 -24.94 10.05
N ILE A 112 -11.53 -23.77 10.68
CA ILE A 112 -11.83 -22.48 10.08
C ILE A 112 -10.53 -21.71 9.89
N LEU A 113 -10.34 -21.13 8.70
CA LEU A 113 -9.18 -20.32 8.38
C LEU A 113 -9.62 -18.90 8.13
N VAL A 114 -9.07 -17.94 8.89
CA VAL A 114 -9.36 -16.52 8.72
C VAL A 114 -8.24 -15.92 7.89
N LEU A 115 -8.59 -15.29 6.76
CA LEU A 115 -7.65 -14.54 5.94
C LEU A 115 -7.94 -13.06 6.09
N GLY A 116 -6.89 -12.24 6.26
CA GLY A 116 -7.13 -10.82 6.39
C GLY A 116 -5.85 -10.04 6.21
N THR A 117 -5.93 -8.72 6.39
CA THR A 117 -4.73 -7.90 6.43
C THR A 117 -3.89 -8.23 7.67
N LYS A 118 -2.66 -7.73 7.69
CA LYS A 118 -1.82 -7.94 8.88
C LYS A 118 -2.52 -7.36 10.12
N ALA A 119 -3.08 -6.15 10.00
CA ALA A 119 -3.68 -5.55 11.18
C ALA A 119 -4.91 -6.33 11.64
N THR A 120 -5.74 -6.78 10.69
CA THR A 120 -6.92 -7.54 11.07
C THR A 120 -6.54 -8.82 11.82
N ILE A 121 -5.56 -9.55 11.28
CA ILE A 121 -5.15 -10.81 11.89
C ILE A 121 -4.49 -10.56 13.24
N GLN A 122 -3.64 -9.54 13.33
CA GLN A 122 -2.95 -9.25 14.59
C GLN A 122 -3.93 -8.90 15.70
N SER A 123 -5.04 -8.24 15.36
CA SER A 123 -6.03 -7.87 16.37
C SER A 123 -6.74 -9.06 16.99
N ASN A 124 -6.71 -10.21 16.33
CA ASN A 124 -7.47 -11.37 16.78
C ASN A 124 -8.97 -11.10 16.86
N ALA A 125 -9.50 -10.08 16.16
CA ALA A 125 -10.92 -9.80 16.25
C ALA A 125 -11.77 -11.01 15.85
N TYR A 126 -11.37 -11.70 14.77
CA TYR A 126 -12.16 -12.84 14.33
C TYR A 126 -12.02 -14.01 15.30
N ASP A 127 -10.78 -14.38 15.63
CA ASP A 127 -10.54 -15.46 16.59
C ASP A 127 -11.30 -15.25 17.90
N ASN A 128 -11.26 -14.04 18.44
CA ASN A 128 -11.93 -13.78 19.71
C ASN A 128 -13.44 -13.96 19.58
N ALA A 129 -14.05 -13.37 18.55
CA ALA A 129 -15.49 -13.51 18.37
C ALA A 129 -15.88 -14.96 18.13
N LEU A 130 -15.09 -15.70 17.36
CA LEU A 130 -15.40 -17.10 17.09
C LEU A 130 -15.29 -17.92 18.37
N LYS A 131 -14.22 -17.74 19.12
CA LYS A 131 -14.08 -18.48 20.38
C LYS A 131 -15.24 -18.18 21.33
N GLN A 132 -15.73 -16.93 21.35
CA GLN A 132 -16.88 -16.59 22.18
C GLN A 132 -18.11 -17.41 21.83
N GLN A 133 -18.23 -17.86 20.59
CA GLN A 133 -19.36 -18.64 20.13
C GLN A 133 -19.10 -20.14 20.18
N GLY A 134 -17.96 -20.55 20.74
CA GLY A 134 -17.65 -21.95 20.94
C GLY A 134 -16.87 -22.65 19.86
N TYR A 135 -16.28 -21.92 18.90
CA TYR A 135 -15.45 -22.60 17.90
C TYR A 135 -14.05 -22.84 18.44
N LEU A 136 -13.53 -24.04 18.22
CA LEU A 136 -12.28 -24.47 18.85
C LEU A 136 -11.15 -24.73 17.88
N ASN A 137 -11.38 -24.61 16.59
CA ASN A 137 -10.42 -25.04 15.59
C ASN A 137 -10.23 -23.89 14.59
N ILE A 138 -9.57 -22.82 15.04
CA ILE A 138 -9.45 -21.59 14.25
C ILE A 138 -7.98 -21.38 13.92
N SER A 139 -7.69 -21.16 12.64
CA SER A 139 -6.38 -20.74 12.18
C SER A 139 -6.53 -19.38 11.53
N HIS A 140 -5.44 -18.61 11.51
CA HIS A 140 -5.48 -17.29 10.91
C HIS A 140 -4.22 -17.05 10.10
N LEU A 141 -4.36 -16.25 9.05
CA LEU A 141 -3.26 -16.04 8.11
C LEU A 141 -3.38 -14.65 7.52
N ALA A 142 -2.37 -13.82 7.73
CA ALA A 142 -2.32 -12.53 7.06
C ALA A 142 -1.81 -12.75 5.64
N THR A 143 -2.59 -12.33 4.66
CA THR A 143 -2.23 -12.47 3.25
C THR A 143 -2.10 -11.06 2.66
N SER A 144 -1.11 -10.32 3.16
CA SER A 144 -1.01 -8.88 2.90
C SER A 144 -0.95 -8.58 1.41
N LEU A 145 -0.17 -9.33 0.65
CA LEU A 145 0.10 -8.94 -0.73
C LEU A 145 -1.10 -9.17 -1.65
N PHE A 146 -2.12 -9.90 -1.19
CA PHE A 146 -3.33 -10.01 -2.00
C PHE A 146 -3.91 -8.62 -2.29
N VAL A 147 -3.80 -7.69 -1.35
CA VAL A 147 -4.46 -6.40 -1.51
C VAL A 147 -3.82 -5.65 -2.69
N PRO A 148 -2.52 -5.39 -2.70
CA PRO A 148 -1.95 -4.66 -3.86
C PRO A 148 -2.06 -5.44 -5.16
N LEU A 149 -1.96 -6.76 -5.13
CA LEU A 149 -2.19 -7.54 -6.35
C LEU A 149 -3.58 -7.27 -6.93
N ILE A 150 -4.62 -7.37 -6.09
CA ILE A 150 -5.97 -7.18 -6.58
C ILE A 150 -6.19 -5.75 -7.06
N GLU A 151 -5.54 -4.79 -6.41
CA GLU A 151 -5.71 -3.41 -6.82
C GLU A 151 -5.02 -3.13 -8.16
N GLU A 152 -4.04 -3.93 -8.55
CA GLU A 152 -3.47 -3.85 -9.90
C GLU A 152 -4.25 -4.69 -10.90
N SER A 153 -5.38 -5.25 -10.50
CA SER A 153 -6.19 -6.12 -11.35
C SER A 153 -5.49 -7.42 -11.69
N ILE A 154 -4.62 -7.92 -10.80
CA ILE A 154 -3.93 -9.20 -11.04
C ILE A 154 -4.78 -10.27 -10.38
N LEU A 155 -5.73 -10.82 -11.15
CA LEU A 155 -6.76 -11.71 -10.63
C LEU A 155 -6.61 -13.15 -11.14
N GLU A 156 -5.51 -13.46 -11.81
CA GLU A 156 -5.23 -14.82 -12.25
C GLU A 156 -3.82 -14.81 -12.82
N GLY A 157 -3.31 -16.00 -13.13
CA GLY A 157 -1.99 -16.13 -13.74
C GLY A 157 -0.91 -16.49 -12.74
N GLU A 158 0.33 -16.50 -13.25
CA GLU A 158 1.48 -16.97 -12.47
C GLU A 158 1.72 -16.15 -11.21
N LEU A 159 1.63 -14.83 -11.32
CA LEU A 159 1.94 -13.99 -10.16
C LEU A 159 0.98 -14.27 -9.02
N LEU A 160 -0.32 -14.26 -9.31
CA LEU A 160 -1.30 -14.59 -8.27
C LEU A 160 -1.07 -15.97 -7.71
N GLU A 161 -0.84 -16.97 -8.58
CA GLU A 161 -0.69 -18.33 -8.08
C GLU A 161 0.55 -18.48 -7.21
N THR A 162 1.67 -17.87 -7.62
CA THR A 162 2.87 -17.90 -6.79
C THR A 162 2.65 -17.19 -5.45
N CYS A 163 1.91 -16.09 -5.47
CA CYS A 163 1.61 -15.39 -4.21
C CYS A 163 0.75 -16.27 -3.31
N MET A 164 -0.20 -16.96 -3.92
CA MET A 164 -1.14 -17.79 -3.20
C MET A 164 -0.40 -18.97 -2.59
N HIS A 165 0.48 -19.60 -3.37
CA HIS A 165 1.35 -20.65 -2.87
C HIS A 165 2.22 -20.16 -1.72
N TYR A 166 2.78 -18.96 -1.85
CA TYR A 166 3.66 -18.44 -0.81
C TYR A 166 2.97 -18.39 0.55
N TYR A 167 1.71 -17.95 0.57
CA TYR A 167 1.00 -17.80 1.84
C TYR A 167 0.45 -19.12 2.35
N PHE A 168 -0.03 -19.96 1.44
CA PHE A 168 -0.80 -21.15 1.80
C PHE A 168 0.04 -22.39 2.04
N THR A 169 1.24 -22.46 1.47
CA THR A 169 2.10 -23.62 1.67
C THR A 169 2.35 -23.95 3.13
N PRO A 170 2.64 -22.99 4.01
CA PRO A 170 2.93 -23.32 5.42
C PRO A 170 1.73 -23.80 6.22
N LEU A 171 0.56 -23.94 5.58
CA LEU A 171 -0.64 -24.34 6.30
C LEU A 171 -0.54 -25.79 6.77
N GLU A 172 -0.81 -26.02 8.05
CA GLU A 172 -0.77 -27.35 8.64
C GLU A 172 -2.14 -28.01 8.67
N ILE A 173 -3.21 -27.22 8.71
CA ILE A 173 -4.57 -27.73 8.77
C ILE A 173 -5.27 -27.35 7.48
N LEU A 174 -5.84 -28.34 6.80
CA LEU A 174 -6.66 -28.06 5.62
C LEU A 174 -8.02 -27.53 6.08
N PRO A 175 -8.42 -26.34 5.67
CA PRO A 175 -9.66 -25.77 6.20
C PRO A 175 -10.91 -26.31 5.51
N GLU A 176 -11.97 -26.43 6.30
CA GLU A 176 -13.31 -26.62 5.76
C GLU A 176 -14.02 -25.29 5.52
N VAL A 177 -13.62 -24.23 6.22
CA VAL A 177 -14.23 -22.92 6.07
C VAL A 177 -13.11 -21.89 5.95
N ILE A 178 -13.28 -20.95 5.02
CA ILE A 178 -12.33 -19.84 4.85
C ILE A 178 -13.12 -18.55 4.93
N ILE A 179 -12.77 -17.70 5.89
CA ILE A 179 -13.39 -16.38 6.01
C ILE A 179 -12.56 -15.40 5.17
N LEU A 180 -13.23 -14.72 4.23
CA LEU A 180 -12.60 -13.69 3.41
C LEU A 180 -12.68 -12.37 4.18
N GLY A 181 -11.82 -12.24 5.18
CA GLY A 181 -11.91 -11.14 6.12
C GLY A 181 -11.18 -9.89 5.66
N CYS A 182 -11.38 -9.53 4.40
CA CYS A 182 -10.80 -8.36 3.77
C CYS A 182 -11.66 -8.00 2.57
N THR A 183 -11.91 -6.70 2.39
CA THR A 183 -12.77 -6.25 1.29
C THR A 183 -12.32 -6.77 -0.07
N HIS A 184 -11.02 -6.96 -0.26
CA HIS A 184 -10.53 -7.28 -1.60
C HIS A 184 -10.69 -8.75 -1.97
N PHE A 185 -10.78 -9.63 -0.98
CA PHE A 185 -10.53 -11.04 -1.26
C PHE A 185 -11.66 -11.70 -2.06
N PRO A 186 -12.90 -11.22 -2.01
CA PRO A 186 -13.93 -11.83 -2.87
C PRO A 186 -13.55 -11.83 -4.35
N LEU A 187 -12.69 -10.91 -4.80
CA LEU A 187 -12.36 -10.88 -6.21
C LEU A 187 -11.46 -12.04 -6.62
N ILE A 188 -10.93 -12.81 -5.67
CA ILE A 188 -10.13 -13.97 -6.01
C ILE A 188 -10.67 -15.21 -5.31
N ALA A 189 -11.96 -15.16 -4.93
CA ALA A 189 -12.57 -16.26 -4.20
C ALA A 189 -12.47 -17.57 -4.98
N GLN A 190 -12.81 -17.53 -6.27
CA GLN A 190 -12.74 -18.73 -7.10
C GLN A 190 -11.31 -19.25 -7.18
N LYS A 191 -10.33 -18.35 -7.26
CA LYS A 191 -8.94 -18.79 -7.36
C LYS A 191 -8.47 -19.40 -6.04
N ILE A 192 -8.91 -18.85 -4.92
CA ILE A 192 -8.55 -19.41 -3.62
C ILE A 192 -9.10 -20.83 -3.49
N GLU A 193 -10.37 -21.02 -3.84
CA GLU A 193 -10.92 -22.37 -3.74
C GLU A 193 -10.28 -23.29 -4.77
N GLY A 194 -9.98 -22.77 -5.97
CA GLY A 194 -9.22 -23.56 -6.92
C GLY A 194 -7.89 -24.03 -6.37
N TYR A 195 -7.21 -23.19 -5.57
CA TYR A 195 -5.91 -23.57 -5.04
C TYR A 195 -6.03 -24.77 -4.10
N PHE A 196 -7.08 -24.79 -3.27
CA PHE A 196 -7.18 -25.84 -2.26
C PHE A 196 -7.64 -27.16 -2.88
N MET A 197 -8.56 -27.11 -3.85
CA MET A 197 -8.96 -28.33 -4.53
C MET A 197 -7.79 -28.94 -5.30
N GLY A 198 -7.00 -28.10 -5.98
CA GLY A 198 -5.91 -28.61 -6.81
C GLY A 198 -4.65 -29.01 -6.06
N HIS A 199 -4.45 -28.48 -4.85
CA HIS A 199 -3.25 -28.79 -4.10
C HIS A 199 -3.47 -29.80 -2.99
N PHE A 200 -4.72 -30.00 -2.55
CA PHE A 200 -5.03 -30.99 -1.52
C PHE A 200 -5.97 -32.07 -2.02
N ALA A 201 -6.15 -32.16 -3.34
CA ALA A 201 -7.00 -33.18 -3.96
C ALA A 201 -8.32 -33.31 -3.21
N LEU A 202 -9.02 -32.19 -3.11
CA LEU A 202 -10.29 -32.17 -2.40
C LEU A 202 -11.44 -32.41 -3.36
N PRO A 203 -12.46 -33.14 -2.92
CA PRO A 203 -13.64 -33.37 -3.78
C PRO A 203 -14.31 -32.06 -4.14
N THR A 204 -14.80 -31.35 -3.11
CA THR A 204 -15.41 -30.03 -3.26
C THR A 204 -14.46 -28.98 -2.70
N PRO A 205 -14.82 -27.71 -2.72
CA PRO A 205 -13.97 -26.68 -2.14
C PRO A 205 -14.35 -26.40 -0.70
N PRO A 206 -13.48 -25.72 0.06
CA PRO A 206 -13.91 -25.23 1.37
C PRO A 206 -14.99 -24.17 1.22
N LEU A 207 -15.75 -23.97 2.28
CA LEU A 207 -16.82 -22.98 2.26
C LEU A 207 -16.26 -21.59 2.51
N LEU A 208 -16.56 -20.65 1.63
CA LEU A 208 -16.06 -19.28 1.74
C LEU A 208 -17.13 -18.37 2.31
N ILE A 209 -16.75 -17.57 3.31
CA ILE A 209 -17.63 -16.59 3.92
C ILE A 209 -17.29 -15.22 3.34
N HIS A 210 -18.27 -14.55 2.76
CA HIS A 210 -18.09 -13.25 2.13
C HIS A 210 -18.69 -12.19 3.05
N SER A 211 -17.91 -11.14 3.35
CA SER A 211 -18.33 -10.15 4.36
C SER A 211 -19.57 -9.38 3.93
N GLY A 212 -19.68 -9.05 2.65
CA GLY A 212 -20.81 -8.27 2.18
C GLY A 212 -22.12 -9.05 2.24
N ASP A 213 -22.06 -10.34 1.87
CA ASP A 213 -23.27 -11.14 1.96
C ASP A 213 -23.70 -11.34 3.41
N ALA A 214 -22.73 -11.45 4.33
CA ALA A 214 -23.05 -11.61 5.74
C ALA A 214 -23.68 -10.35 6.31
N ILE A 215 -23.16 -9.17 5.95
CA ILE A 215 -23.73 -7.98 6.53
C ILE A 215 -25.12 -7.72 5.95
N VAL A 216 -25.36 -8.13 4.70
CA VAL A 216 -26.70 -8.00 4.14
C VAL A 216 -27.69 -8.85 4.92
N GLU A 217 -27.34 -10.12 5.16
CA GLU A 217 -28.22 -11.00 5.94
C GLU A 217 -28.59 -10.36 7.27
N TYR A 218 -27.59 -9.80 7.97
CA TYR A 218 -27.84 -9.14 9.24
C TYR A 218 -28.75 -7.93 9.07
N LEU A 219 -28.41 -7.03 8.14
CA LEU A 219 -29.18 -5.81 8.00
C LEU A 219 -30.64 -6.10 7.65
N GLN A 220 -30.88 -7.15 6.87
CA GLN A 220 -32.25 -7.48 6.50
C GLN A 220 -33.07 -7.93 7.72
N GLN A 221 -32.42 -8.60 8.67
CA GLN A 221 -33.09 -8.95 9.91
C GLN A 221 -33.43 -7.73 10.76
N LYS A 222 -32.88 -6.56 10.44
CA LYS A 222 -33.12 -5.36 11.23
C LYS A 222 -33.84 -4.26 10.47
N TYR A 223 -34.09 -4.44 9.17
CA TYR A 223 -34.72 -3.40 8.35
C TYR A 223 -35.68 -4.04 7.36
N ALA A 224 -36.77 -3.34 7.09
CA ALA A 224 -37.79 -3.82 6.15
C ALA A 224 -37.25 -3.82 4.72
N LEU A 225 -37.93 -4.57 3.85
CA LEU A 225 -37.48 -4.78 2.48
C LEU A 225 -37.69 -3.58 1.56
N LYS A 226 -38.49 -2.60 1.97
CA LYS A 226 -38.73 -1.40 1.15
C LYS A 226 -39.68 -1.70 0.00
N PHE A 232 -33.55 0.60 -6.91
CA PHE A 232 -32.14 0.95 -7.09
C PHE A 232 -31.83 2.28 -6.40
N PRO A 233 -31.09 2.22 -5.29
CA PRO A 233 -30.84 3.43 -4.51
C PRO A 233 -29.96 4.42 -5.25
N LYS A 234 -30.03 5.68 -4.80
CA LYS A 234 -29.12 6.71 -5.23
C LYS A 234 -27.78 6.55 -4.50
N VAL A 235 -26.69 6.63 -5.25
CA VAL A 235 -25.34 6.41 -4.71
C VAL A 235 -24.48 7.62 -5.01
N GLU A 236 -23.81 8.14 -3.99
CA GLU A 236 -22.82 9.20 -4.13
C GLU A 236 -21.46 8.61 -3.81
N PHE A 237 -20.42 9.03 -4.55
CA PHE A 237 -19.05 8.60 -4.30
C PHE A 237 -18.21 9.80 -3.87
N HIS A 238 -17.46 9.63 -2.79
CA HIS A 238 -16.58 10.65 -2.24
C HIS A 238 -15.25 9.98 -1.90
N ALA A 239 -14.18 10.75 -1.94
CA ALA A 239 -12.85 10.21 -1.66
C ALA A 239 -11.94 11.27 -1.09
N SER A 240 -10.95 10.83 -0.29
CA SER A 240 -9.94 11.78 0.17
C SER A 240 -8.83 11.99 -0.87
N GLY A 241 -8.57 11.01 -1.74
CA GLY A 241 -7.76 11.24 -2.94
C GLY A 241 -8.66 11.67 -4.08
N ASP A 242 -8.15 11.53 -5.30
CA ASP A 242 -8.90 11.94 -6.50
C ASP A 242 -10.21 11.14 -6.60
N VAL A 243 -11.35 11.84 -6.61
CA VAL A 243 -12.62 11.12 -6.55
C VAL A 243 -12.91 10.39 -7.85
N ILE A 244 -12.42 10.89 -8.99
CA ILE A 244 -12.66 10.21 -10.25
C ILE A 244 -11.84 8.93 -10.33
N TRP A 245 -10.62 8.95 -9.81
CA TRP A 245 -9.84 7.72 -9.76
C TRP A 245 -10.57 6.65 -8.95
N LEU A 246 -11.28 7.07 -7.90
CA LEU A 246 -12.05 6.12 -7.10
C LEU A 246 -13.32 5.68 -7.82
N GLU A 247 -14.13 6.65 -8.27
CA GLU A 247 -15.43 6.32 -8.81
C GLU A 247 -15.33 5.51 -10.10
N ARG A 248 -14.34 5.80 -10.94
CA ARG A 248 -14.26 5.09 -12.21
C ARG A 248 -13.96 3.60 -12.02
N GLN A 249 -13.50 3.17 -10.84
CA GLN A 249 -13.29 1.76 -10.61
C GLN A 249 -14.56 1.04 -10.13
N ALA A 250 -15.61 1.78 -9.77
CA ALA A 250 -16.79 1.15 -9.21
C ALA A 250 -17.39 0.14 -10.19
N LYS A 251 -17.52 0.53 -11.46
CA LYS A 251 -18.13 -0.34 -12.46
C LYS A 251 -17.43 -1.70 -12.51
N GLU A 252 -16.09 -1.70 -12.44
CA GLU A 252 -15.36 -2.96 -12.49
C GLU A 252 -15.55 -3.80 -11.24
N TRP A 253 -15.74 -3.18 -10.07
CA TRP A 253 -15.98 -3.93 -8.86
C TRP A 253 -17.43 -4.40 -8.75
N LEU A 254 -18.37 -3.61 -9.24
CA LEU A 254 -19.79 -3.96 -9.18
C LEU A 254 -20.26 -4.74 -10.40
N LYS A 255 -19.34 -5.34 -11.16
CA LYS A 255 -19.72 -6.17 -12.28
C LYS A 255 -20.23 -7.52 -11.77
N HIS B 1 28.30 22.43 12.19
CA HIS B 1 27.92 21.94 10.86
C HIS B 1 26.40 21.79 10.78
N MET B 2 25.90 21.42 9.59
CA MET B 2 24.49 21.57 9.29
C MET B 2 23.62 20.56 10.04
N LYS B 3 22.49 21.03 10.56
CA LYS B 3 21.41 20.17 11.02
C LYS B 3 20.39 20.09 9.89
N ILE B 4 20.05 18.87 9.47
CA ILE B 4 19.22 18.70 8.29
C ILE B 4 18.05 17.78 8.59
N GLY B 5 17.09 17.81 7.68
CA GLY B 5 15.92 16.95 7.75
C GLY B 5 15.96 15.99 6.57
N VAL B 6 15.41 14.78 6.78
CA VAL B 6 15.19 13.83 5.71
C VAL B 6 13.72 13.45 5.75
N PHE B 7 13.03 13.62 4.62
CA PHE B 7 11.60 13.34 4.52
C PHE B 7 11.37 12.18 3.56
N ASP B 8 10.55 11.22 3.97
CA ASP B 8 10.10 10.15 3.08
C ASP B 8 8.66 9.80 3.40
N SER B 9 7.99 9.15 2.43
CA SER B 9 6.64 8.67 2.71
C SER B 9 6.59 7.65 3.83
N GLY B 10 7.69 6.97 4.15
CA GLY B 10 7.63 5.96 5.20
C GLY B 10 9.00 5.44 5.58
N VAL B 11 9.27 4.16 5.35
CA VAL B 11 10.56 3.59 5.72
C VAL B 11 11.50 3.43 4.54
N GLY B 12 11.02 3.57 3.31
CA GLY B 12 11.92 3.40 2.18
C GLY B 12 13.06 4.39 2.20
N GLY B 13 12.84 5.58 2.76
CA GLY B 13 13.87 6.61 2.83
C GLY B 13 15.09 6.21 3.61
N PHE B 14 15.01 5.10 4.36
CA PHE B 14 16.20 4.59 5.01
C PHE B 14 17.28 4.16 4.03
N SER B 15 16.94 3.87 2.75
CA SER B 15 18.01 3.60 1.80
C SER B 15 18.83 4.85 1.53
N VAL B 16 18.19 6.02 1.55
CA VAL B 16 18.92 7.27 1.40
C VAL B 16 19.66 7.61 2.69
N LEU B 17 18.99 7.46 3.84
CA LEU B 17 19.64 7.73 5.12
C LEU B 17 20.89 6.89 5.29
N LYS B 18 20.84 5.62 4.88
CA LYS B 18 22.01 4.76 4.97
C LYS B 18 23.20 5.36 4.24
N SER B 19 22.97 5.82 3.01
CA SER B 19 24.06 6.44 2.25
C SER B 19 24.59 7.66 2.98
N LEU B 20 23.69 8.47 3.54
CA LEU B 20 24.10 9.69 4.23
C LEU B 20 24.95 9.38 5.45
N LEU B 21 24.55 8.34 6.21
CA LEU B 21 25.31 7.96 7.40
C LEU B 21 26.67 7.39 7.04
N LYS B 22 26.75 6.58 5.97
CA LYS B 22 28.03 6.04 5.53
C LYS B 22 29.04 7.15 5.22
N ALA B 23 28.58 8.22 4.58
CA ALA B 23 29.43 9.31 4.13
C ALA B 23 29.79 10.28 5.25
N ARG B 24 29.12 10.20 6.40
CA ARG B 24 29.41 11.06 7.54
C ARG B 24 29.33 12.54 7.14
N LEU B 25 28.21 12.92 6.56
CA LEU B 25 28.12 14.27 6.01
C LEU B 25 27.62 15.30 7.00
N PHE B 26 26.64 14.94 7.83
CA PHE B 26 25.91 15.92 8.64
C PHE B 26 25.97 15.56 10.12
N ASP B 27 26.05 16.59 10.96
CA ASP B 27 26.16 16.37 12.41
C ASP B 27 24.87 15.83 13.00
N GLU B 28 23.74 16.31 12.50
CA GLU B 28 22.43 16.04 13.08
C GLU B 28 21.43 15.84 11.96
N ILE B 29 20.64 14.77 12.04
CA ILE B 29 19.67 14.45 11.01
C ILE B 29 18.34 14.15 11.69
N ILE B 30 17.29 14.85 11.26
CA ILE B 30 15.92 14.62 11.72
C ILE B 30 15.19 13.86 10.61
N TYR B 31 14.89 12.58 10.82
CA TYR B 31 14.20 11.77 9.82
C TYR B 31 12.70 11.74 10.13
N TYR B 32 11.89 12.00 9.11
CA TYR B 32 10.44 11.94 9.23
C TYR B 32 9.88 11.09 8.10
N GLY B 33 9.20 10.00 8.47
CA GLY B 33 8.46 9.17 7.52
C GLY B 33 6.96 9.29 7.76
N ASP B 34 6.22 9.54 6.68
CA ASP B 34 4.76 9.70 6.77
C ASP B 34 4.06 8.34 6.73
N SER B 35 4.46 7.48 7.67
CA SER B 35 4.05 6.08 7.66
C SER B 35 2.54 5.89 7.85
N ALA B 36 1.80 6.90 8.32
CA ALA B 36 0.35 6.76 8.36
C ALA B 36 -0.27 6.76 6.96
N ARG B 37 0.38 7.35 5.96
CA ARG B 37 -0.25 7.57 4.67
C ARG B 37 0.45 6.88 3.52
N VAL B 38 1.58 6.23 3.75
CA VAL B 38 2.34 5.51 2.73
C VAL B 38 1.44 4.42 2.15
N PRO B 39 1.55 4.11 0.85
CA PRO B 39 2.46 4.70 -0.15
C PRO B 39 1.90 5.94 -0.80
N TYR B 40 2.81 6.77 -1.33
CA TYR B 40 2.44 7.89 -2.18
C TYR B 40 2.33 7.49 -3.65
N GLY B 41 3.10 6.49 -4.07
CA GLY B 41 3.30 6.27 -5.50
C GLY B 41 2.08 5.80 -6.27
N THR B 42 1.07 5.28 -5.57
CA THR B 42 -0.17 4.82 -6.18
C THR B 42 -1.23 5.90 -6.19
N LYS B 43 -0.92 7.09 -5.70
CA LYS B 43 -1.95 8.13 -5.61
C LYS B 43 -1.72 9.23 -6.64
N ASP B 44 -2.58 10.27 -6.55
CA ASP B 44 -2.70 11.26 -7.63
C ASP B 44 -1.85 12.50 -7.33
N PRO B 45 -1.51 13.28 -8.36
CA PRO B 45 -0.64 14.44 -8.12
C PRO B 45 -1.17 15.44 -7.11
N THR B 46 -2.47 15.77 -7.13
CA THR B 46 -2.99 16.73 -6.17
C THR B 46 -2.76 16.26 -4.74
N THR B 47 -3.05 14.98 -4.48
CA THR B 47 -2.83 14.42 -3.15
C THR B 47 -1.36 14.51 -2.73
N ILE B 48 -0.46 14.10 -3.62
CA ILE B 48 0.96 14.06 -3.29
C ILE B 48 1.50 15.46 -3.04
N LYS B 49 1.08 16.44 -3.86
CA LYS B 49 1.57 17.79 -3.66
C LYS B 49 1.20 18.30 -2.27
N GLN B 50 -0.02 18.01 -1.82
CA GLN B 50 -0.43 18.47 -0.50
C GLN B 50 0.32 17.74 0.60
N PHE B 51 0.56 16.43 0.42
CA PHE B 51 1.41 15.71 1.38
C PHE B 51 2.77 16.39 1.52
N GLY B 52 3.32 16.87 0.40
CA GLY B 52 4.63 17.49 0.45
C GLY B 52 4.63 18.79 1.24
N LEU B 53 3.61 19.63 1.00
CA LEU B 53 3.48 20.85 1.79
C LEU B 53 3.37 20.53 3.28
N GLU B 54 2.55 19.54 3.64
CA GLU B 54 2.38 19.20 5.05
C GLU B 54 3.68 18.73 5.69
N ALA B 55 4.56 18.09 4.92
CA ALA B 55 5.83 17.68 5.50
C ALA B 55 6.64 18.90 5.95
N LEU B 56 6.53 20.01 5.21
CA LEU B 56 7.26 21.21 5.61
C LEU B 56 6.82 21.69 6.98
N ASP B 57 5.51 21.63 7.26
CA ASP B 57 5.01 22.04 8.57
C ASP B 57 5.63 21.21 9.68
N PHE B 58 5.87 19.93 9.42
CA PHE B 58 6.48 19.09 10.44
C PHE B 58 7.85 19.61 10.85
N PHE B 59 8.64 20.07 9.88
CA PHE B 59 10.04 20.39 10.17
C PHE B 59 10.24 21.79 10.75
N LYS B 60 9.23 22.65 10.65
CA LYS B 60 9.38 24.03 11.11
C LYS B 60 9.99 24.16 12.50
N PRO B 61 9.46 23.50 13.55
CA PRO B 61 10.05 23.66 14.89
C PRO B 61 11.43 23.04 15.05
N HIS B 62 11.92 22.27 14.09
CA HIS B 62 13.22 21.62 14.23
C HIS B 62 14.37 22.47 13.71
N GLU B 63 14.10 23.63 13.11
CA GLU B 63 15.15 24.58 12.74
C GLU B 63 16.23 23.92 11.89
N ILE B 64 15.81 23.24 10.83
CA ILE B 64 16.76 22.57 9.96
C ILE B 64 17.30 23.58 8.94
N GLU B 65 18.51 23.32 8.47
CA GLU B 65 19.18 24.17 7.50
C GLU B 65 19.05 23.65 6.08
N LEU B 66 18.58 22.42 5.90
CA LEU B 66 18.42 21.80 4.60
C LEU B 66 17.42 20.66 4.77
N LEU B 67 16.54 20.49 3.79
CA LEU B 67 15.61 19.36 3.79
C LEU B 67 15.90 18.50 2.58
N ILE B 68 16.23 17.24 2.82
CA ILE B 68 16.38 16.24 1.76
C ILE B 68 15.04 15.52 1.62
N VAL B 69 14.48 15.56 0.40
CA VAL B 69 13.29 14.77 0.11
C VAL B 69 13.81 13.44 -0.44
N ALA B 70 13.86 12.43 0.44
CA ALA B 70 14.41 11.14 0.06
C ALA B 70 13.47 10.37 -0.86
N CYS B 71 12.19 10.71 -0.83
CA CYS B 71 11.16 10.03 -1.60
C CYS B 71 11.23 10.44 -3.07
N ASN B 72 11.37 9.46 -3.96
CA ASN B 72 11.37 9.80 -5.39
C ASN B 72 10.02 10.30 -5.86
N THR B 73 8.94 9.78 -5.26
CA THR B 73 7.60 10.19 -5.69
C THR B 73 7.36 11.65 -5.30
N ALA B 74 7.64 12.00 -4.05
CA ALA B 74 7.50 13.40 -3.63
C ALA B 74 8.46 14.29 -4.40
N SER B 75 9.68 13.81 -4.67
CA SER B 75 10.60 14.60 -5.49
C SER B 75 10.01 14.88 -6.86
N ALA B 76 9.34 13.89 -7.45
CA ALA B 76 8.85 14.02 -8.81
C ALA B 76 7.62 14.93 -8.89
N LEU B 77 6.80 14.98 -7.85
CA LEU B 77 5.51 15.65 -7.90
C LEU B 77 5.42 16.92 -7.06
N ALA B 78 6.13 16.98 -5.92
CA ALA B 78 5.88 18.04 -4.94
C ALA B 78 7.05 18.99 -4.73
N LEU B 79 8.21 18.74 -5.33
CA LEU B 79 9.39 19.49 -4.94
C LEU B 79 9.27 20.97 -5.30
N GLU B 80 8.74 21.28 -6.48
CA GLU B 80 8.63 22.68 -6.89
C GLU B 80 7.72 23.45 -5.94
N GLU B 81 6.57 22.86 -5.59
CA GLU B 81 5.64 23.52 -4.67
C GLU B 81 6.26 23.68 -3.30
N MET B 82 6.97 22.65 -2.83
CA MET B 82 7.63 22.73 -1.54
C MET B 82 8.67 23.85 -1.52
N GLN B 83 9.45 23.98 -2.59
CA GLN B 83 10.50 25.01 -2.61
C GLN B 83 9.90 26.40 -2.66
N LYS B 84 8.73 26.55 -3.28
CA LYS B 84 8.02 27.81 -3.33
C LYS B 84 7.61 28.30 -1.95
N TYR B 85 7.13 27.39 -1.11
CA TYR B 85 6.53 27.78 0.16
C TYR B 85 7.48 27.62 1.34
N SER B 86 8.73 27.22 1.10
CA SER B 86 9.69 26.99 2.16
C SER B 86 10.83 28.01 2.07
N LYS B 87 11.27 28.47 3.23
CA LYS B 87 12.38 29.41 3.35
C LYS B 87 13.73 28.71 3.34
N ILE B 88 13.78 27.40 3.56
CA ILE B 88 15.05 26.68 3.66
C ILE B 88 15.28 25.87 2.39
N PRO B 89 16.53 25.64 1.99
CA PRO B 89 16.79 24.87 0.78
C PRO B 89 16.28 23.44 0.88
N ILE B 90 15.70 22.96 -0.21
CA ILE B 90 15.16 21.62 -0.35
C ILE B 90 15.85 20.96 -1.53
N VAL B 91 16.34 19.75 -1.33
CA VAL B 91 16.98 18.96 -2.38
C VAL B 91 16.23 17.64 -2.46
N GLY B 92 15.81 17.26 -3.67
CA GLY B 92 15.21 15.98 -3.90
C GLY B 92 16.21 14.99 -4.49
N VAL B 93 15.70 13.81 -4.84
CA VAL B 93 16.57 12.74 -5.27
C VAL B 93 16.56 12.52 -6.77
N ILE B 94 15.83 13.33 -7.53
CA ILE B 94 15.82 13.14 -8.98
C ILE B 94 16.99 13.89 -9.64
N GLU B 95 17.12 15.18 -9.39
CA GLU B 95 18.20 15.93 -10.04
C GLU B 95 19.60 15.41 -9.72
N PRO B 96 19.97 15.05 -8.49
CA PRO B 96 21.31 14.48 -8.28
C PRO B 96 21.55 13.22 -9.09
N SER B 97 20.50 12.44 -9.37
CA SER B 97 20.72 11.25 -10.20
C SER B 97 20.99 11.64 -11.65
N ILE B 98 20.43 12.77 -12.10
CA ILE B 98 20.73 13.23 -13.46
C ILE B 98 22.20 13.61 -13.56
N LEU B 99 22.72 14.28 -12.52
CA LEU B 99 24.14 14.61 -12.50
C LEU B 99 25.00 13.35 -12.49
N ALA B 100 24.60 12.35 -11.70
CA ALA B 100 25.33 11.09 -11.68
C ALA B 100 25.36 10.44 -13.06
N ILE B 101 24.23 10.45 -13.76
CA ILE B 101 24.22 9.84 -15.09
C ILE B 101 25.13 10.61 -16.03
N LYS B 102 25.10 11.95 -15.96
CA LYS B 102 25.96 12.75 -16.82
C LYS B 102 27.43 12.41 -16.62
N ARG B 103 27.84 12.18 -15.38
CA ARG B 103 29.23 11.81 -15.12
C ARG B 103 29.55 10.39 -15.57
N GLN B 104 28.60 9.47 -15.39
CA GLN B 104 28.87 8.05 -15.55
C GLN B 104 28.48 7.48 -16.92
N VAL B 105 27.73 8.23 -17.72
CA VAL B 105 27.16 7.72 -18.97
C VAL B 105 27.49 8.73 -20.05
N GLU B 106 28.63 8.56 -20.71
CA GLU B 106 29.06 9.56 -21.67
C GLU B 106 28.40 9.37 -23.03
N ASP B 107 27.87 8.19 -23.32
CA ASP B 107 27.22 7.91 -24.61
C ASP B 107 25.77 8.37 -24.57
N LYS B 108 25.44 9.42 -25.34
CA LYS B 108 24.08 9.94 -25.29
C LYS B 108 23.07 8.98 -25.89
N ASN B 109 23.51 7.95 -26.60
CA ASN B 109 22.63 6.93 -27.15
C ASN B 109 22.50 5.69 -26.27
N ALA B 110 23.17 5.65 -25.12
CA ALA B 110 23.07 4.47 -24.26
C ALA B 110 21.62 4.26 -23.82
N PRO B 111 21.07 3.05 -23.93
CA PRO B 111 19.69 2.82 -23.48
C PRO B 111 19.59 2.88 -21.96
N ILE B 112 18.80 3.84 -21.49
CA ILE B 112 18.55 4.08 -20.08
C ILE B 112 17.13 3.64 -19.76
N LEU B 113 16.96 2.82 -18.72
CA LEU B 113 15.64 2.42 -18.25
C LEU B 113 15.39 3.03 -16.87
N VAL B 114 14.28 3.77 -16.74
CA VAL B 114 13.87 4.36 -15.47
C VAL B 114 12.84 3.44 -14.82
N LEU B 115 13.10 3.00 -13.59
CA LEU B 115 12.10 2.28 -12.80
C LEU B 115 11.58 3.18 -11.69
N GLY B 116 10.27 3.14 -11.43
CA GLY B 116 9.74 3.94 -10.34
C GLY B 116 8.32 3.53 -10.02
N THR B 117 7.73 4.28 -9.10
CA THR B 117 6.30 4.12 -8.83
C THR B 117 5.45 4.61 -10.00
N LYS B 118 4.16 4.28 -9.94
CA LYS B 118 3.24 4.75 -10.98
C LYS B 118 3.28 6.26 -11.09
N ALA B 119 3.24 6.97 -9.95
CA ALA B 119 3.20 8.43 -10.02
C ALA B 119 4.52 9.00 -10.51
N THR B 120 5.65 8.43 -10.09
CA THR B 120 6.93 8.94 -10.56
C THR B 120 7.06 8.80 -12.07
N ILE B 121 6.66 7.64 -12.59
CA ILE B 121 6.78 7.40 -14.03
C ILE B 121 5.80 8.27 -14.80
N GLN B 122 4.57 8.39 -14.31
CA GLN B 122 3.58 9.20 -15.02
C GLN B 122 3.99 10.66 -15.10
N SER B 123 4.75 11.14 -14.11
CA SER B 123 5.21 12.52 -14.11
C SER B 123 6.22 12.82 -15.21
N ASN B 124 6.86 11.79 -15.77
CA ASN B 124 7.97 11.98 -16.72
C ASN B 124 9.09 12.86 -16.16
N ALA B 125 9.21 13.01 -14.84
CA ALA B 125 10.27 13.85 -14.28
C ALA B 125 11.64 13.39 -14.76
N TYR B 126 11.91 12.09 -14.71
CA TYR B 126 13.22 11.60 -15.14
C TYR B 126 13.41 11.80 -16.64
N ASP B 127 12.43 11.39 -17.45
CA ASP B 127 12.59 11.51 -18.90
C ASP B 127 12.83 12.96 -19.31
N ASN B 128 12.07 13.90 -18.76
CA ASN B 128 12.25 15.29 -19.12
C ASN B 128 13.65 15.80 -18.76
N ALA B 129 14.15 15.44 -17.57
CA ALA B 129 15.45 15.92 -17.15
C ALA B 129 16.55 15.32 -18.00
N LEU B 130 16.40 14.05 -18.38
CA LEU B 130 17.41 13.37 -19.18
C LEU B 130 17.41 13.91 -20.61
N LYS B 131 16.23 14.15 -21.16
CA LYS B 131 16.15 14.70 -22.52
C LYS B 131 16.81 16.07 -22.58
N GLN B 132 16.65 16.88 -21.54
CA GLN B 132 17.27 18.20 -21.51
C GLN B 132 18.79 18.11 -21.50
N GLN B 133 19.35 16.98 -21.06
CA GLN B 133 20.79 16.78 -21.05
C GLN B 133 21.28 16.10 -22.31
N GLY B 134 20.40 15.85 -23.26
CA GLY B 134 20.81 15.31 -24.55
C GLY B 134 20.74 13.80 -24.67
N TYR B 135 20.18 13.10 -23.69
CA TYR B 135 20.06 11.66 -23.84
C TYR B 135 18.92 11.32 -24.78
N LEU B 136 19.17 10.38 -25.68
CA LEU B 136 18.29 10.11 -26.81
C LEU B 136 17.57 8.78 -26.74
N ASN B 137 17.80 7.97 -25.71
CA ASN B 137 17.38 6.58 -25.73
C ASN B 137 16.89 6.21 -24.32
N ILE B 138 15.70 6.70 -23.97
CA ILE B 138 15.16 6.61 -22.61
C ILE B 138 13.87 5.80 -22.64
N SER B 139 13.77 4.81 -21.76
CA SER B 139 12.57 4.03 -21.55
C SER B 139 12.18 4.13 -20.08
N HIS B 140 10.89 3.92 -19.81
CA HIS B 140 10.44 3.99 -18.42
C HIS B 140 9.43 2.89 -18.13
N LEU B 141 9.40 2.47 -16.87
CA LEU B 141 8.55 1.36 -16.46
C LEU B 141 8.14 1.56 -15.01
N ALA B 142 6.84 1.65 -14.76
CA ALA B 142 6.34 1.63 -13.40
C ALA B 142 6.35 0.18 -12.91
N THR B 143 6.97 -0.06 -11.76
CA THR B 143 7.02 -1.40 -11.18
C THR B 143 6.42 -1.34 -9.78
N SER B 144 5.11 -1.07 -9.73
CA SER B 144 4.42 -0.72 -8.49
C SER B 144 4.57 -1.81 -7.43
N LEU B 145 4.42 -3.07 -7.81
CA LEU B 145 4.37 -4.11 -6.79
C LEU B 145 5.71 -4.37 -6.12
N PHE B 146 6.83 -3.89 -6.68
CA PHE B 146 8.09 -4.02 -5.97
C PHE B 146 8.01 -3.39 -4.58
N VAL B 147 7.23 -2.30 -4.43
CA VAL B 147 7.20 -1.60 -3.14
C VAL B 147 6.61 -2.49 -2.05
N PRO B 148 5.37 -2.99 -2.18
CA PRO B 148 4.84 -3.85 -1.11
C PRO B 148 5.64 -5.13 -0.94
N LEU B 149 6.17 -5.70 -2.02
CA LEU B 149 7.00 -6.90 -1.86
C LEU B 149 8.20 -6.62 -0.97
N ILE B 150 8.92 -5.52 -1.23
CA ILE B 150 10.11 -5.20 -0.45
C ILE B 150 9.74 -4.89 1.00
N GLU B 151 8.62 -4.19 1.23
CA GLU B 151 8.21 -3.93 2.61
C GLU B 151 7.83 -5.19 3.36
N GLU B 152 7.43 -6.25 2.65
CA GLU B 152 7.19 -7.53 3.29
C GLU B 152 8.46 -8.35 3.44
N SER B 153 9.61 -7.83 3.00
CA SER B 153 10.89 -8.52 3.07
C SER B 153 10.97 -9.68 2.10
N ILE B 154 10.26 -9.61 0.98
CA ILE B 154 10.39 -10.57 -0.11
C ILE B 154 11.53 -10.06 -1.00
N LEU B 155 12.77 -10.43 -0.64
CA LEU B 155 13.95 -9.94 -1.33
C LEU B 155 14.64 -11.03 -2.15
N GLU B 156 14.04 -12.20 -2.25
CA GLU B 156 14.59 -13.33 -3.00
C GLU B 156 13.47 -14.34 -3.18
N GLY B 157 13.73 -15.36 -3.97
CA GLY B 157 12.76 -16.44 -4.12
C GLY B 157 11.81 -16.29 -5.30
N GLU B 158 10.89 -17.25 -5.38
CA GLU B 158 10.03 -17.40 -6.56
C GLU B 158 9.06 -16.24 -6.73
N LEU B 159 8.55 -15.71 -5.62
CA LEU B 159 7.58 -14.62 -5.74
C LEU B 159 8.24 -13.36 -6.31
N LEU B 160 9.43 -13.02 -5.81
CA LEU B 160 10.14 -11.87 -6.36
C LEU B 160 10.53 -12.12 -7.82
N GLU B 161 11.05 -13.30 -8.12
CA GLU B 161 11.44 -13.59 -9.50
C GLU B 161 10.23 -13.50 -10.44
N THR B 162 9.08 -14.04 -10.02
CA THR B 162 7.89 -13.98 -10.86
C THR B 162 7.42 -12.54 -11.04
N CYS B 163 7.52 -11.73 -9.99
CA CYS B 163 7.16 -10.31 -10.11
C CYS B 163 8.10 -9.58 -11.07
N MET B 164 9.41 -9.83 -10.96
CA MET B 164 10.32 -9.22 -11.93
C MET B 164 10.00 -9.67 -13.34
N HIS B 165 9.76 -10.96 -13.54
CA HIS B 165 9.39 -11.44 -14.87
C HIS B 165 8.13 -10.74 -15.37
N TYR B 166 7.15 -10.54 -14.49
CA TYR B 166 5.91 -9.88 -14.87
C TYR B 166 6.17 -8.50 -15.46
N TYR B 167 7.04 -7.72 -14.82
CA TYR B 167 7.25 -6.34 -15.25
C TYR B 167 8.24 -6.22 -16.40
N PHE B 168 9.24 -7.08 -16.46
CA PHE B 168 10.36 -6.92 -17.38
C PHE B 168 10.16 -7.63 -18.70
N THR B 169 9.35 -8.69 -18.73
CA THR B 169 9.17 -9.43 -19.99
C THR B 169 8.69 -8.55 -21.13
N PRO B 170 7.73 -7.65 -20.96
CA PRO B 170 7.30 -6.81 -22.10
C PRO B 170 8.34 -5.80 -22.57
N LEU B 171 9.50 -5.69 -21.91
CA LEU B 171 10.47 -4.67 -22.30
C LEU B 171 10.98 -4.92 -23.70
N GLU B 172 11.06 -3.86 -24.48
CA GLU B 172 11.59 -3.97 -25.83
C GLU B 172 13.08 -3.66 -25.92
N ILE B 173 13.62 -2.88 -24.97
CA ILE B 173 15.03 -2.50 -25.00
C ILE B 173 15.78 -3.31 -23.96
N LEU B 174 17.04 -3.61 -24.26
CA LEU B 174 17.96 -4.17 -23.28
C LEU B 174 18.73 -3.01 -22.67
N PRO B 175 18.54 -2.68 -21.39
CA PRO B 175 19.14 -1.46 -20.85
C PRO B 175 20.64 -1.59 -20.59
N GLU B 176 21.34 -0.49 -20.83
CA GLU B 176 22.73 -0.33 -20.41
C GLU B 176 22.82 0.30 -19.03
N VAL B 177 21.81 1.08 -18.67
CA VAL B 177 21.72 1.84 -17.41
C VAL B 177 20.30 1.66 -16.87
N ILE B 178 20.17 1.40 -15.58
CA ILE B 178 18.85 1.30 -14.92
C ILE B 178 18.84 2.26 -13.75
N ILE B 179 17.90 3.20 -13.75
CA ILE B 179 17.76 4.14 -12.66
C ILE B 179 16.82 3.54 -11.62
N LEU B 180 17.31 3.38 -10.40
CA LEU B 180 16.48 2.88 -9.30
C LEU B 180 15.71 4.07 -8.75
N GLY B 181 14.66 4.46 -9.48
CA GLY B 181 13.97 5.69 -9.19
C GLY B 181 12.89 5.56 -8.14
N CYS B 182 13.20 4.83 -7.06
CA CYS B 182 12.29 4.58 -5.94
C CYS B 182 13.15 4.18 -4.73
N THR B 183 12.78 4.70 -3.55
CA THR B 183 13.56 4.44 -2.33
C THR B 183 13.75 2.95 -2.06
N HIS B 184 12.77 2.14 -2.43
CA HIS B 184 12.79 0.74 -2.04
C HIS B 184 13.72 -0.10 -2.92
N PHE B 185 14.01 0.34 -4.14
CA PHE B 185 14.57 -0.59 -5.13
C PHE B 185 16.04 -0.97 -4.88
N PRO B 186 16.85 -0.17 -4.19
CA PRO B 186 18.20 -0.66 -3.85
C PRO B 186 18.18 -2.02 -3.14
N LEU B 187 17.11 -2.34 -2.41
CA LEU B 187 17.12 -3.60 -1.66
C LEU B 187 16.99 -4.82 -2.56
N ILE B 188 16.62 -4.64 -3.84
CA ILE B 188 16.63 -5.76 -4.78
C ILE B 188 17.58 -5.48 -5.94
N ALA B 189 18.58 -4.61 -5.74
CA ALA B 189 19.43 -4.22 -6.87
C ALA B 189 20.19 -5.41 -7.45
N GLN B 190 20.71 -6.26 -6.58
CA GLN B 190 21.44 -7.46 -7.04
C GLN B 190 20.51 -8.41 -7.80
N LYS B 191 19.27 -8.54 -7.34
CA LYS B 191 18.31 -9.39 -8.06
C LYS B 191 17.95 -8.82 -9.42
N ILE B 192 17.83 -7.50 -9.52
CA ILE B 192 17.55 -6.88 -10.82
C ILE B 192 18.72 -7.09 -11.76
N GLU B 193 19.93 -6.85 -11.28
CA GLU B 193 21.14 -7.14 -12.05
C GLU B 193 21.12 -8.58 -12.55
N GLY B 194 20.85 -9.52 -11.64
CA GLY B 194 20.84 -10.92 -11.98
C GLY B 194 19.75 -11.30 -12.97
N TYR B 195 18.62 -10.58 -12.93
CA TYR B 195 17.58 -10.85 -13.93
C TYR B 195 18.07 -10.56 -15.34
N PHE B 196 18.64 -9.38 -15.54
CA PHE B 196 19.03 -9.00 -16.89
C PHE B 196 20.25 -9.79 -17.34
N MET B 197 21.11 -10.15 -16.40
CA MET B 197 22.34 -10.84 -16.74
C MET B 197 22.04 -12.25 -17.20
N GLY B 198 21.15 -12.94 -16.49
CA GLY B 198 20.72 -14.26 -16.88
C GLY B 198 19.88 -14.21 -18.13
N HIS B 199 18.76 -13.51 -18.07
CA HIS B 199 17.82 -13.55 -19.18
C HIS B 199 18.42 -13.02 -20.48
N PHE B 200 19.62 -12.40 -20.47
CA PHE B 200 20.11 -11.75 -21.69
C PHE B 200 21.59 -12.00 -22.01
N ALA B 201 22.21 -12.98 -21.39
CA ALA B 201 23.59 -13.39 -21.68
C ALA B 201 24.55 -12.20 -21.68
N LEU B 202 24.34 -11.28 -20.74
CA LEU B 202 25.22 -10.13 -20.61
C LEU B 202 26.54 -10.54 -19.96
N PRO B 203 27.67 -10.02 -20.46
CA PRO B 203 28.95 -10.28 -19.78
C PRO B 203 29.09 -9.50 -18.49
N THR B 204 28.42 -8.36 -18.36
CA THR B 204 28.46 -7.55 -17.15
C THR B 204 27.05 -7.02 -16.93
N PRO B 205 26.71 -6.62 -15.71
CA PRO B 205 25.33 -6.16 -15.44
C PRO B 205 25.14 -4.73 -15.94
N PRO B 206 23.90 -4.34 -16.21
CA PRO B 206 23.62 -2.92 -16.45
C PRO B 206 24.10 -2.07 -15.27
N LEU B 207 24.45 -0.83 -15.56
CA LEU B 207 24.83 0.11 -14.51
C LEU B 207 23.56 0.54 -13.76
N LEU B 208 23.52 0.32 -12.44
CA LEU B 208 22.38 0.75 -11.64
C LEU B 208 22.70 2.07 -10.95
N ILE B 209 21.78 3.04 -11.06
CA ILE B 209 21.93 4.33 -10.41
C ILE B 209 21.11 4.31 -9.12
N HIS B 210 21.78 4.50 -7.99
CA HIS B 210 21.21 4.45 -6.65
C HIS B 210 20.96 5.88 -6.17
N SER B 211 19.69 6.22 -5.88
CA SER B 211 19.35 7.61 -5.53
C SER B 211 20.14 8.10 -4.32
N GLY B 212 20.34 7.23 -3.34
CA GLY B 212 21.05 7.65 -2.13
C GLY B 212 22.50 7.96 -2.41
N ASP B 213 23.18 7.11 -3.19
CA ASP B 213 24.58 7.39 -3.46
C ASP B 213 24.72 8.63 -4.34
N ALA B 214 23.77 8.81 -5.26
CA ALA B 214 23.81 10.00 -6.12
C ALA B 214 23.64 11.27 -5.31
N ILE B 215 22.73 11.27 -4.32
CA ILE B 215 22.55 12.51 -3.59
C ILE B 215 23.73 12.76 -2.65
N VAL B 216 24.36 11.71 -2.10
CA VAL B 216 25.61 11.90 -1.34
C VAL B 216 26.66 12.58 -2.21
N GLU B 217 26.87 12.08 -3.43
CA GLU B 217 27.84 12.68 -4.33
C GLU B 217 27.54 14.16 -4.57
N TYR B 218 26.27 14.47 -4.80
CA TYR B 218 25.87 15.85 -5.06
C TYR B 218 26.16 16.73 -3.84
N LEU B 219 25.73 16.28 -2.65
CA LEU B 219 25.89 17.10 -1.46
C LEU B 219 27.36 17.33 -1.14
N GLN B 220 28.22 16.37 -1.46
CA GLN B 220 29.66 16.59 -1.29
C GLN B 220 30.19 17.68 -2.22
N GLN B 221 29.59 17.84 -3.40
CA GLN B 221 30.04 18.90 -4.31
C GLN B 221 29.51 20.26 -3.92
N LYS B 222 28.54 20.35 -3.02
CA LYS B 222 27.99 21.61 -2.58
C LYS B 222 28.52 22.04 -1.22
N TYR B 223 28.63 21.11 -0.27
CA TYR B 223 28.95 21.42 1.11
C TYR B 223 30.21 20.71 1.57
N ALA B 224 31.23 20.70 0.70
CA ALA B 224 32.50 20.01 0.93
C ALA B 224 32.95 19.98 2.39
N PRO B 233 27.73 12.00 15.75
CA PRO B 233 26.58 12.16 14.83
C PRO B 233 25.28 11.82 15.53
N LYS B 234 24.21 12.56 15.26
CA LYS B 234 22.92 12.34 15.88
C LYS B 234 21.86 12.13 14.81
N VAL B 235 20.97 11.18 15.06
CA VAL B 235 19.81 10.91 14.21
C VAL B 235 18.58 10.77 15.10
N GLU B 236 17.50 11.46 14.76
CA GLU B 236 16.23 11.16 15.40
C GLU B 236 15.19 10.70 14.39
N PHE B 237 14.34 9.79 14.86
CA PHE B 237 13.33 9.13 14.06
C PHE B 237 11.95 9.60 14.45
N HIS B 238 11.20 10.12 13.49
CA HIS B 238 9.83 10.56 13.69
C HIS B 238 8.92 9.95 12.64
N ALA B 239 7.64 9.78 12.99
CA ALA B 239 6.70 9.11 12.10
C ALA B 239 5.28 9.64 12.34
N SER B 240 4.48 9.62 11.28
CA SER B 240 3.06 9.91 11.45
C SER B 240 2.30 8.69 11.94
N GLY B 241 2.75 7.48 11.61
CA GLY B 241 2.28 6.27 12.25
C GLY B 241 3.07 5.99 13.52
N ASP B 242 2.97 4.77 14.01
CA ASP B 242 3.64 4.42 15.27
C ASP B 242 5.16 4.53 15.14
N VAL B 243 5.79 5.28 16.05
CA VAL B 243 7.22 5.53 15.91
C VAL B 243 8.06 4.31 16.23
N ILE B 244 7.63 3.45 17.18
CA ILE B 244 8.40 2.24 17.42
C ILE B 244 8.34 1.29 16.23
N TRP B 245 7.22 1.26 15.50
CA TRP B 245 7.19 0.43 14.29
C TRP B 245 8.20 0.94 13.28
N LEU B 246 8.34 2.26 13.17
CA LEU B 246 9.30 2.83 12.20
C LEU B 246 10.73 2.55 12.67
N GLU B 247 10.97 2.69 13.98
CA GLU B 247 12.29 2.40 14.51
C GLU B 247 12.68 0.95 14.28
N ARG B 248 11.73 0.03 14.45
CA ARG B 248 12.05 -1.38 14.21
C ARG B 248 12.49 -1.58 12.77
N GLN B 249 11.81 -0.90 11.85
CA GLN B 249 12.24 -0.94 10.45
C GLN B 249 13.60 -0.29 10.26
N ALA B 250 13.83 0.87 10.89
CA ALA B 250 15.13 1.53 10.77
C ALA B 250 16.29 0.59 11.09
N LYS B 251 16.15 -0.19 12.17
CA LYS B 251 17.24 -1.09 12.53
C LYS B 251 17.54 -2.06 11.40
N GLU B 252 16.49 -2.60 10.76
CA GLU B 252 16.67 -3.59 9.70
C GLU B 252 17.21 -2.94 8.42
N TRP B 253 16.67 -1.79 8.03
CA TRP B 253 17.10 -1.17 6.77
C TRP B 253 18.49 -0.58 6.87
N LEU B 254 18.89 -0.08 8.05
CA LEU B 254 20.16 0.60 8.21
C LEU B 254 21.30 -0.34 8.56
N LYS B 255 21.04 -1.61 8.81
CA LYS B 255 22.11 -2.54 9.20
C LYS B 255 23.22 -2.58 8.15
#